data_3DNH
#
_entry.id   3DNH
#
_cell.length_a   53.651
_cell.length_b   66.830
_cell.length_c   69.967
_cell.angle_alpha   90.00
_cell.angle_beta   108.19
_cell.angle_gamma   90.00
#
_symmetry.space_group_name_H-M   'P 1 21 1'
#
loop_
_entity.id
_entity.type
_entity.pdbx_description
1 polymer 'uncharacterized protein Atu2129'
2 water water
#
_entity_poly.entity_id   1
_entity_poly.type   'polypeptide(L)'
_entity_poly.pdbx_seq_one_letter_code
;GH(MSE)LDVAPPVITPRGTKIEPSAGAPFEAVRVARDVLHTSRTAALATLDPVSGYPYTTATNIGIEPDGTPFFFAAGL
TLHARN(MSE)ETDARISVTLAPFGKGDALTLPRLTLVGRADRIGPDEVPLAIARYIARYPKAKLYLSLPDTRLYRLRTE
GVQINGGPARNASNITPADLRTDLSGAEEL(MSE)AAAESEATRLNAIKGEASRLAVLAGAKTGRWKITSIDPDGIDLAS
ASDLARLWFAERVETLKQFEKALAQLLKGS
;
_entity_poly.pdbx_strand_id   A,B
#
# COMPACT_ATOMS: atom_id res chain seq x y z
N VAL A 6 -15.53 -7.26 -28.68
CA VAL A 6 -16.86 -7.03 -28.04
C VAL A 6 -16.73 -6.69 -26.54
N ALA A 7 -15.58 -7.01 -25.94
CA ALA A 7 -15.35 -6.84 -24.49
C ALA A 7 -15.15 -5.39 -24.03
N PRO A 8 -15.93 -4.95 -23.03
CA PRO A 8 -15.82 -3.58 -22.52
C PRO A 8 -14.47 -3.26 -21.84
N PRO A 9 -14.08 -1.96 -21.81
CA PRO A 9 -12.89 -1.60 -21.06
C PRO A 9 -12.93 -2.18 -19.65
N VAL A 10 -11.79 -2.69 -19.17
CA VAL A 10 -11.76 -3.31 -17.83
C VAL A 10 -12.04 -2.26 -16.71
N ILE A 11 -11.71 -1.01 -17.00
CA ILE A 11 -12.07 0.09 -16.11
C ILE A 11 -13.11 0.88 -16.86
N THR A 12 -14.32 0.99 -16.31
CA THR A 12 -15.34 1.87 -16.87
C THR A 12 -14.93 3.33 -16.68
N PRO A 13 -14.79 4.08 -17.80
CA PRO A 13 -14.40 5.50 -17.73
C PRO A 13 -15.35 6.32 -16.87
N ARG A 14 -14.78 7.30 -16.18
CA ARG A 14 -15.54 8.19 -15.31
C ARG A 14 -16.58 8.95 -16.12
N PHE A 26 3.96 17.35 -15.34
CA PHE A 26 3.34 16.04 -15.14
C PHE A 26 3.02 15.44 -16.50
N GLU A 27 3.73 14.37 -16.86
CA GLU A 27 3.40 13.67 -18.11
C GLU A 27 3.00 12.27 -17.77
N ALA A 28 1.71 12.03 -17.93
CA ALA A 28 1.07 10.84 -17.44
C ALA A 28 1.89 9.58 -17.68
N VAL A 29 2.34 9.38 -18.92
CA VAL A 29 3.01 8.13 -19.33
C VAL A 29 4.36 7.98 -18.60
N ARG A 30 5.13 9.05 -18.58
CA ARG A 30 6.43 9.07 -17.94
C ARG A 30 6.34 8.90 -16.41
N VAL A 31 5.49 9.68 -15.76
CA VAL A 31 5.24 9.50 -14.33
C VAL A 31 4.79 8.06 -14.01
N ALA A 32 3.88 7.53 -14.84
CA ALA A 32 3.43 6.16 -14.73
C ALA A 32 4.54 5.10 -14.85
N ARG A 33 5.40 5.25 -15.84
CA ARG A 33 6.48 4.29 -16.09
C ARG A 33 7.50 4.36 -14.96
N ASP A 34 7.66 5.54 -14.39
CA ASP A 34 8.56 5.72 -13.25
CA ASP A 34 8.55 5.75 -13.24
C ASP A 34 8.02 5.04 -12.02
N VAL A 35 6.73 5.20 -11.75
CA VAL A 35 6.09 4.47 -10.62
C VAL A 35 6.16 2.98 -10.85
N LEU A 36 5.93 2.58 -12.10
CA LEU A 36 6.00 1.19 -12.46
C LEU A 36 7.34 0.57 -12.07
N HIS A 37 8.42 1.28 -12.38
CA HIS A 37 9.74 0.71 -12.22
C HIS A 37 10.35 0.85 -10.84
N THR A 38 9.80 1.76 -10.05
CA THR A 38 10.44 2.15 -8.81
C THR A 38 9.56 1.88 -7.59
N SER A 39 8.47 1.16 -7.78
CA SER A 39 7.62 0.80 -6.61
C SER A 39 7.89 -0.63 -6.13
N ARG A 40 8.25 -0.79 -4.84
CA ARG A 40 8.42 -2.13 -4.23
C ARG A 40 7.10 -2.77 -3.80
N THR A 41 6.28 -2.02 -3.08
CA THR A 41 5.06 -2.57 -2.52
C THR A 41 3.86 -2.19 -3.37
N ALA A 42 2.97 -3.16 -3.52
CA ALA A 42 1.74 -3.04 -4.29
C ALA A 42 0.54 -3.52 -3.46
N ALA A 43 -0.58 -2.80 -3.57
CA ALA A 43 -1.86 -3.30 -3.19
C ALA A 43 -2.30 -4.28 -4.27
N LEU A 44 -2.90 -5.39 -3.86
CA LEU A 44 -3.35 -6.42 -4.79
C LEU A 44 -4.77 -6.72 -4.36
N ALA A 45 -5.67 -6.64 -5.34
CA ALA A 45 -7.06 -7.00 -5.16
C ALA A 45 -7.43 -8.20 -6.01
N THR A 46 -8.28 -9.02 -5.43
CA THR A 46 -8.61 -10.34 -5.92
C THR A 46 -10.14 -10.43 -5.66
N LEU A 47 -10.82 -11.40 -6.26
CA LEU A 47 -12.27 -11.55 -6.07
C LEU A 47 -12.62 -12.80 -5.29
N ASP A 48 -13.50 -12.65 -4.32
CA ASP A 48 -13.98 -13.80 -3.58
C ASP A 48 -14.95 -14.62 -4.44
N PRO A 49 -14.69 -15.93 -4.54
CA PRO A 49 -15.53 -16.80 -5.40
C PRO A 49 -16.99 -16.98 -5.02
N VAL A 50 -17.35 -16.77 -3.75
CA VAL A 50 -18.73 -17.00 -3.29
C VAL A 50 -19.43 -15.66 -3.06
N SER A 51 -18.77 -14.77 -2.34
CA SER A 51 -19.41 -13.55 -1.86
C SER A 51 -19.41 -12.46 -2.92
N GLY A 52 -18.43 -12.47 -3.80
CA GLY A 52 -18.33 -11.50 -4.89
C GLY A 52 -17.68 -10.22 -4.42
N TYR A 53 -17.45 -10.11 -3.11
CA TYR A 53 -16.67 -9.01 -2.53
C TYR A 53 -15.22 -9.03 -3.05
N PRO A 54 -14.59 -7.84 -3.12
CA PRO A 54 -13.16 -7.85 -3.42
C PRO A 54 -12.40 -8.31 -2.18
N TYR A 55 -11.14 -8.71 -2.38
CA TYR A 55 -10.31 -9.11 -1.27
C TYR A 55 -8.92 -8.56 -1.55
N THR A 56 -8.35 -7.84 -0.59
CA THR A 56 -7.08 -7.17 -0.78
C THR A 56 -5.95 -7.75 0.04
N THR A 57 -4.73 -7.59 -0.47
CA THR A 57 -3.51 -7.82 0.33
C THR A 57 -2.43 -6.82 -0.08
N ALA A 58 -1.28 -6.88 0.59
CA ALA A 58 -0.07 -6.18 0.15
C ALA A 58 0.98 -7.20 -0.28
N THR A 59 1.70 -6.89 -1.36
CA THR A 59 2.72 -7.81 -1.87
C THR A 59 3.90 -7.05 -2.47
N ASN A 60 4.97 -7.77 -2.79
CA ASN A 60 6.17 -7.17 -3.37
C ASN A 60 6.10 -7.32 -4.89
N ILE A 61 6.63 -6.35 -5.60
CA ILE A 61 6.58 -6.30 -7.09
C ILE A 61 7.95 -6.53 -7.71
N GLY A 62 8.01 -7.56 -8.58
CA GLY A 62 9.16 -7.71 -9.50
C GLY A 62 8.82 -7.09 -10.87
N ILE A 63 9.82 -6.72 -11.67
CA ILE A 63 9.55 -6.20 -13.01
C ILE A 63 10.42 -6.96 -14.01
N GLU A 64 9.84 -7.40 -15.12
CA GLU A 64 10.60 -8.05 -16.17
C GLU A 64 11.16 -6.99 -17.17
N PRO A 65 12.19 -7.35 -17.98
CA PRO A 65 12.84 -6.40 -18.91
C PRO A 65 11.87 -5.56 -19.74
N ASP A 66 10.76 -6.13 -20.22
CA ASP A 66 9.75 -5.37 -20.98
C ASP A 66 8.78 -4.52 -20.12
N GLY A 67 9.04 -4.46 -18.81
CA GLY A 67 8.26 -3.67 -17.87
C GLY A 67 7.10 -4.40 -17.20
N THR A 68 6.93 -5.69 -17.49
CA THR A 68 5.83 -6.50 -16.96
C THR A 68 5.99 -6.79 -15.47
N PRO A 69 5.01 -6.36 -14.63
CA PRO A 69 5.09 -6.69 -13.22
C PRO A 69 4.82 -8.15 -12.94
N PHE A 70 5.52 -8.70 -11.92
CA PHE A 70 5.25 -10.07 -11.52
C PHE A 70 5.35 -10.12 -10.01
N PHE A 71 4.81 -11.18 -9.44
CA PHE A 71 4.77 -11.27 -8.00
C PHE A 71 4.59 -12.74 -7.59
N PHE A 72 4.79 -12.95 -6.29
CA PHE A 72 4.70 -14.25 -5.68
CA PHE A 72 4.73 -14.24 -5.64
C PHE A 72 3.59 -14.22 -4.66
N ALA A 73 2.96 -15.39 -4.48
CA ALA A 73 1.97 -15.57 -3.43
C ALA A 73 2.16 -16.97 -2.86
N ALA A 74 2.17 -17.10 -1.53
CA ALA A 74 2.14 -18.44 -0.90
C ALA A 74 0.85 -19.14 -1.34
N GLY A 75 0.91 -20.43 -1.67
CA GLY A 75 -0.28 -21.15 -2.17
C GLY A 75 -1.45 -21.29 -1.20
N LEU A 76 -1.14 -21.37 0.09
CA LEU A 76 -2.21 -21.59 1.09
C LEU A 76 -2.89 -20.28 1.56
N THR A 77 -2.88 -19.25 0.71
CA THR A 77 -3.48 -17.97 1.07
C THR A 77 -4.80 -17.73 0.33
N LEU A 78 -5.64 -16.91 0.95
CA LEU A 78 -6.91 -16.50 0.35
C LEU A 78 -6.75 -15.88 -1.04
N HIS A 79 -5.80 -14.96 -1.22
CA HIS A 79 -5.68 -14.35 -2.55
C HIS A 79 -5.23 -15.37 -3.58
N ALA A 80 -4.26 -16.23 -3.26
CA ALA A 80 -3.88 -17.35 -4.15
C ALA A 80 -5.10 -18.16 -4.57
N ARG A 81 -5.89 -18.58 -3.58
CA ARG A 81 -7.14 -19.29 -3.80
C ARG A 81 -8.03 -18.50 -4.74
N ASN A 82 -8.25 -17.22 -4.43
CA ASN A 82 -9.18 -16.40 -5.22
C ASN A 82 -8.75 -16.38 -6.68
N GLU A 84 -6.93 -18.61 -8.27
CA GLU A 84 -7.26 -19.93 -8.90
C GLU A 84 -8.67 -19.88 -9.46
N THR A 85 -9.61 -19.43 -8.64
CA THR A 85 -11.03 -19.40 -9.00
C THR A 85 -11.37 -18.36 -10.11
N ASP A 86 -10.68 -17.21 -10.14
CA ASP A 86 -10.97 -16.09 -11.04
C ASP A 86 -9.71 -15.22 -11.13
N ALA A 87 -9.15 -15.12 -12.33
CA ALA A 87 -7.84 -14.46 -12.50
C ALA A 87 -7.88 -12.93 -12.59
N ARG A 88 -9.08 -12.33 -12.60
CA ARG A 88 -9.20 -10.87 -12.67
C ARG A 88 -8.68 -10.22 -11.37
N ILE A 89 -7.69 -9.35 -11.53
CA ILE A 89 -7.02 -8.69 -10.39
C ILE A 89 -6.81 -7.20 -10.67
N SER A 90 -6.50 -6.44 -9.61
CA SER A 90 -6.05 -5.07 -9.74
C SER A 90 -4.86 -4.85 -8.81
N VAL A 91 -3.88 -4.04 -9.24
CA VAL A 91 -2.76 -3.66 -8.34
C VAL A 91 -2.61 -2.16 -8.33
N THR A 92 -2.21 -1.62 -7.19
CA THR A 92 -1.85 -0.21 -7.13
C THR A 92 -0.43 -0.14 -6.65
N LEU A 93 0.39 0.50 -7.47
CA LEU A 93 1.76 0.75 -7.17
C LEU A 93 1.94 2.20 -6.76
N ALA A 94 2.73 2.44 -5.72
CA ALA A 94 3.03 3.81 -5.31
C ALA A 94 4.40 3.86 -4.63
N PRO A 95 5.11 5.02 -4.68
CA PRO A 95 6.32 5.19 -3.83
C PRO A 95 5.87 5.32 -2.36
N PHE A 96 5.33 4.24 -1.79
CA PHE A 96 4.73 4.27 -0.45
C PHE A 96 5.70 4.70 0.66
N GLY A 97 6.98 4.36 0.51
CA GLY A 97 7.95 4.81 1.52
C GLY A 97 8.03 6.32 1.66
N LYS A 98 7.61 7.06 0.64
CA LYS A 98 7.85 8.51 0.56
C LYS A 98 6.80 9.37 1.27
N GLY A 99 5.88 8.73 1.98
CA GLY A 99 4.93 9.53 2.76
C GLY A 99 3.50 9.21 2.39
N ASP A 100 2.59 10.10 2.77
CA ASP A 100 1.17 9.76 2.79
C ASP A 100 0.58 9.39 1.43
N ALA A 101 -0.30 8.38 1.41
CA ALA A 101 -0.86 7.86 0.15
C ALA A 101 -1.49 8.93 -0.77
N LEU A 102 -2.26 9.85 -0.19
CA LEU A 102 -2.91 10.85 -1.00
C LEU A 102 -1.96 11.95 -1.55
N THR A 103 -0.71 11.93 -1.12
CA THR A 103 0.34 12.83 -1.67
C THR A 103 1.10 12.19 -2.84
N LEU A 104 0.98 10.89 -3.00
CA LEU A 104 1.81 10.16 -3.93
C LEU A 104 1.16 9.97 -5.28
N PRO A 105 1.96 9.84 -6.33
CA PRO A 105 1.38 9.32 -7.58
C PRO A 105 1.02 7.86 -7.35
N ARG A 106 -0.10 7.43 -7.89
CA ARG A 106 -0.59 6.11 -7.64
C ARG A 106 -0.99 5.50 -8.97
N LEU A 107 -0.33 4.42 -9.32
CA LEU A 107 -0.56 3.75 -10.57
C LEU A 107 -1.43 2.51 -10.35
N THR A 108 -2.63 2.52 -10.92
CA THR A 108 -3.50 1.35 -10.86
C THR A 108 -3.47 0.58 -12.18
N LEU A 109 -3.17 -0.72 -12.10
CA LEU A 109 -3.15 -1.59 -13.26
C LEU A 109 -4.17 -2.70 -13.05
N VAL A 110 -5.12 -2.80 -13.98
CA VAL A 110 -6.17 -3.80 -13.93
C VAL A 110 -5.92 -4.85 -15.00
N GLY A 111 -6.04 -6.13 -14.67
CA GLY A 111 -5.89 -7.18 -15.69
C GLY A 111 -6.03 -8.59 -15.16
N ARG A 112 -5.25 -9.53 -15.71
CA ARG A 112 -5.30 -10.93 -15.26
C ARG A 112 -4.00 -11.40 -14.65
N ALA A 113 -4.11 -12.22 -13.60
CA ALA A 113 -2.98 -12.88 -12.97
C ALA A 113 -2.72 -14.17 -13.72
N ASP A 114 -1.68 -14.16 -14.56
CA ASP A 114 -1.26 -15.30 -15.31
C ASP A 114 -0.17 -16.03 -14.53
N ARG A 115 -0.38 -17.30 -14.28
CA ARG A 115 0.65 -18.09 -13.64
C ARG A 115 1.89 -18.26 -14.54
N ILE A 116 3.05 -17.92 -13.99
CA ILE A 116 4.30 -18.12 -14.70
C ILE A 116 4.60 -19.64 -14.77
N GLY A 117 4.79 -20.16 -15.99
CA GLY A 117 5.10 -21.58 -16.23
C GLY A 117 6.41 -22.08 -15.60
N PRO A 118 6.49 -23.39 -15.27
CA PRO A 118 7.61 -24.08 -14.60
C PRO A 118 9.01 -23.68 -15.09
N ASP A 119 9.20 -23.63 -16.42
CA ASP A 119 10.53 -23.34 -16.99
C ASP A 119 11.12 -21.98 -16.60
N GLU A 120 10.23 -21.02 -16.36
CA GLU A 120 10.60 -19.66 -16.04
C GLU A 120 10.70 -19.38 -14.54
N VAL A 121 10.33 -20.32 -13.68
CA VAL A 121 10.45 -19.94 -12.26
C VAL A 121 11.89 -19.65 -11.78
N PRO A 122 12.88 -20.50 -12.13
CA PRO A 122 14.27 -20.16 -11.75
C PRO A 122 14.70 -18.69 -12.08
N LEU A 123 14.40 -18.23 -13.29
CA LEU A 123 14.70 -16.85 -13.67
C LEU A 123 13.94 -15.84 -12.81
N ALA A 124 12.65 -16.10 -12.59
CA ALA A 124 11.80 -15.17 -11.86
C ALA A 124 12.26 -15.09 -10.40
N ILE A 125 12.71 -16.22 -9.86
CA ILE A 125 13.28 -16.28 -8.50
C ILE A 125 14.50 -15.39 -8.37
N ALA A 126 15.43 -15.51 -9.29
CA ALA A 126 16.64 -14.75 -9.15
C ALA A 126 16.32 -13.22 -9.28
N ARG A 127 15.45 -12.89 -10.23
CA ARG A 127 15.01 -11.49 -10.40
C ARG A 127 14.33 -10.92 -9.14
N TYR A 128 13.49 -11.73 -8.50
CA TYR A 128 12.79 -11.31 -7.32
C TYR A 128 13.71 -11.13 -6.11
N ILE A 129 14.58 -12.12 -5.86
CA ILE A 129 15.60 -12.10 -4.81
C ILE A 129 16.49 -10.86 -4.87
N ALA A 130 16.80 -10.44 -6.10
CA ALA A 130 17.60 -9.24 -6.38
C ALA A 130 16.99 -8.01 -5.71
N ARG A 131 15.66 -7.94 -5.61
CA ARG A 131 14.99 -6.81 -4.97
C ARG A 131 14.63 -7.06 -3.53
N TYR A 132 14.42 -8.32 -3.18
CA TYR A 132 13.81 -8.76 -1.93
C TYR A 132 14.68 -9.88 -1.33
N PRO A 133 15.82 -9.49 -0.72
CA PRO A 133 16.74 -10.54 -0.25
C PRO A 133 16.16 -11.46 0.84
N LYS A 134 15.12 -11.01 1.54
CA LYS A 134 14.50 -11.87 2.53
C LYS A 134 13.70 -13.00 1.87
N ALA A 135 13.37 -12.83 0.59
CA ALA A 135 12.63 -13.85 -0.13
C ALA A 135 13.44 -15.16 -0.17
N LYS A 136 14.76 -15.04 0.04
CA LYS A 136 15.67 -16.19 0.04
C LYS A 136 15.14 -17.26 0.96
N LEU A 137 14.34 -16.83 1.94
CA LEU A 137 13.79 -17.69 2.96
C LEU A 137 12.38 -18.13 2.62
N TYR A 138 11.46 -17.18 2.46
CA TYR A 138 10.04 -17.52 2.28
C TYR A 138 9.63 -18.09 0.92
N LEU A 139 10.47 -17.93 -0.10
CA LEU A 139 10.29 -18.65 -1.37
C LEU A 139 10.73 -20.12 -1.20
N SER A 140 11.65 -20.37 -0.27
CA SER A 140 12.11 -21.74 0.02
C SER A 140 11.07 -22.50 0.85
N LEU A 141 9.91 -21.89 1.05
CA LEU A 141 8.83 -22.54 1.79
C LEU A 141 7.86 -23.24 0.83
N PRO A 142 7.21 -24.33 1.28
CA PRO A 142 6.20 -25.02 0.45
C PRO A 142 5.19 -24.15 -0.32
N ASP A 143 4.74 -24.67 -1.47
CA ASP A 143 3.69 -24.12 -2.35
C ASP A 143 3.85 -22.67 -2.83
N THR A 144 5.09 -22.23 -3.05
CA THR A 144 5.32 -20.88 -3.58
C THR A 144 4.68 -20.82 -4.97
N ARG A 145 3.90 -19.77 -5.23
CA ARG A 145 3.24 -19.54 -6.54
C ARG A 145 3.69 -18.22 -7.17
N LEU A 146 3.92 -18.25 -8.48
CA LEU A 146 4.51 -17.13 -9.19
C LEU A 146 3.55 -16.66 -10.30
N TYR A 147 3.29 -15.35 -10.38
CA TYR A 147 2.29 -14.82 -11.33
C TYR A 147 2.82 -13.60 -12.05
N ARG A 148 2.45 -13.37 -13.31
CA ARG A 148 2.67 -12.02 -13.85
C ARG A 148 1.35 -11.36 -14.20
N LEU A 149 1.36 -10.04 -14.11
CA LEU A 149 0.19 -9.25 -14.41
C LEU A 149 0.09 -9.14 -15.92
N ARG A 150 -1.06 -9.55 -16.46
CA ARG A 150 -1.41 -9.20 -17.82
C ARG A 150 -2.24 -7.94 -17.75
N THR A 151 -1.65 -6.80 -18.07
CA THR A 151 -2.31 -5.50 -17.86
C THR A 151 -3.33 -5.27 -18.96
N GLU A 152 -4.57 -4.93 -18.57
CA GLU A 152 -5.62 -4.65 -19.53
C GLU A 152 -6.12 -3.21 -19.44
N GLY A 153 -5.82 -2.53 -18.35
CA GLY A 153 -6.30 -1.16 -18.19
C GLY A 153 -5.46 -0.48 -17.17
N VAL A 154 -5.30 0.83 -17.32
CA VAL A 154 -4.31 1.59 -16.53
C VAL A 154 -4.98 2.87 -16.06
N GLN A 155 -4.74 3.23 -14.80
CA GLN A 155 -5.05 4.59 -14.32
C GLN A 155 -3.86 5.18 -13.57
N ILE A 156 -3.44 6.40 -13.87
CA ILE A 156 -2.41 7.06 -13.09
C ILE A 156 -2.97 8.31 -12.41
N ASN A 157 -2.48 8.54 -11.20
CA ASN A 157 -3.17 9.42 -10.27
C ASN A 157 -2.23 10.17 -9.33
N GLY A 158 -2.57 11.41 -9.01
CA GLY A 158 -1.82 12.22 -8.03
C GLY A 158 -0.47 12.68 -8.56
N SER A 165 -4.97 10.40 -16.47
CA SER A 165 -4.98 10.86 -17.86
C SER A 165 -5.65 9.83 -18.79
N ASN A 166 -5.16 9.70 -20.02
CA ASN A 166 -5.64 8.62 -20.87
C ASN A 166 -4.55 7.69 -21.44
N ILE A 167 -3.97 6.90 -20.54
CA ILE A 167 -2.87 5.95 -20.78
C ILE A 167 -3.36 4.53 -21.05
N THR A 168 -2.66 3.86 -21.95
CA THR A 168 -2.93 2.49 -22.37
C THR A 168 -1.87 1.51 -21.82
N PRO A 169 -2.23 0.21 -21.67
CA PRO A 169 -1.25 -0.82 -21.35
C PRO A 169 0.03 -0.78 -22.20
N ALA A 170 -0.11 -0.55 -23.52
CA ALA A 170 1.02 -0.41 -24.44
C ALA A 170 1.96 0.72 -24.06
N ASP A 171 1.40 1.81 -23.53
CA ASP A 171 2.19 2.98 -23.12
C ASP A 171 3.16 2.62 -22.00
N LEU A 172 2.79 1.66 -21.18
CA LEU A 172 3.63 1.30 -20.07
C LEU A 172 4.73 0.33 -20.43
N ARG A 173 4.52 -0.47 -21.48
CA ARG A 173 5.50 -1.50 -21.83
C ARG A 173 6.77 -0.98 -22.44
N THR A 174 7.88 -1.68 -22.19
CA THR A 174 9.10 -1.36 -22.92
C THR A 174 9.28 -2.23 -24.16
N ASP A 175 9.41 -1.59 -25.32
CA ASP A 175 9.51 -2.33 -26.56
C ASP A 175 10.93 -2.90 -26.75
N LEU A 176 11.02 -4.23 -26.85
CA LEU A 176 12.31 -4.91 -26.96
C LEU A 176 12.72 -5.23 -28.41
N SER A 177 11.78 -5.07 -29.36
CA SER A 177 12.00 -5.25 -30.81
C SER A 177 13.07 -4.33 -31.28
N GLY A 178 14.00 -4.84 -32.10
CA GLY A 178 15.09 -3.99 -32.60
C GLY A 178 16.30 -3.96 -31.69
N ALA A 179 16.11 -4.37 -30.44
CA ALA A 179 17.16 -4.35 -29.38
C ALA A 179 17.68 -5.72 -28.94
N GLU A 180 17.48 -6.76 -29.75
CA GLU A 180 17.95 -8.11 -29.37
C GLU A 180 19.43 -8.16 -29.00
N GLU A 181 20.29 -7.40 -29.70
CA GLU A 181 21.72 -7.33 -29.35
C GLU A 181 21.97 -6.86 -27.91
N LEU A 182 21.35 -5.74 -27.50
CA LEU A 182 21.42 -5.26 -26.10
C LEU A 182 20.89 -6.30 -25.11
N ALA A 184 20.54 -9.53 -25.51
CA ALA A 184 21.49 -10.64 -25.45
C ALA A 184 22.68 -10.34 -24.52
N ALA A 185 22.98 -9.07 -24.30
CA ALA A 185 24.13 -8.67 -23.42
C ALA A 185 23.73 -8.08 -22.08
N ALA A 186 22.44 -7.90 -21.85
CA ALA A 186 21.99 -7.11 -20.73
C ALA A 186 22.38 -7.75 -19.39
N GLU A 187 22.35 -9.08 -19.33
CA GLU A 187 22.69 -9.76 -18.06
C GLU A 187 24.20 -9.66 -17.73
N SER A 188 25.05 -9.85 -18.74
CA SER A 188 26.50 -9.77 -18.52
C SER A 188 26.97 -8.31 -18.38
N GLU A 189 26.29 -7.37 -19.05
CA GLU A 189 26.56 -5.96 -18.76
C GLU A 189 26.21 -5.55 -17.33
N ALA A 190 25.07 -6.00 -16.81
CA ALA A 190 24.69 -5.74 -15.40
C ALA A 190 25.78 -6.25 -14.45
N THR A 191 26.20 -7.50 -14.66
CA THR A 191 27.24 -8.12 -13.87
C THR A 191 28.55 -7.33 -13.94
N ARG A 192 28.90 -6.94 -15.15
CA ARG A 192 30.10 -6.18 -15.41
C ARG A 192 30.10 -4.91 -14.62
N LEU A 193 29.05 -4.14 -14.79
CA LEU A 193 28.87 -2.85 -14.14
C LEU A 193 28.75 -2.93 -12.64
N ASN A 194 28.04 -3.94 -12.14
CA ASN A 194 27.92 -4.18 -10.69
C ASN A 194 29.25 -4.50 -10.06
N ALA A 195 30.21 -4.98 -10.85
CA ALA A 195 31.55 -5.28 -10.34
C ALA A 195 32.45 -4.04 -10.25
N ILE A 196 31.97 -2.91 -10.80
CA ILE A 196 32.74 -1.67 -10.66
C ILE A 196 32.23 -1.06 -9.36
N LYS A 197 33.04 -1.13 -8.32
CA LYS A 197 32.65 -0.63 -7.02
C LYS A 197 32.13 0.82 -7.13
N GLY A 198 30.91 1.04 -6.62
CA GLY A 198 30.35 2.39 -6.54
C GLY A 198 29.61 2.80 -7.79
N GLU A 199 29.76 2.01 -8.87
CA GLU A 199 29.16 2.44 -10.15
C GLU A 199 27.62 2.39 -10.15
N ALA A 200 27.03 1.35 -9.58
CA ALA A 200 25.54 1.26 -9.54
C ALA A 200 24.98 2.44 -8.70
N SER A 201 25.67 2.77 -7.62
CA SER A 201 25.27 3.88 -6.75
C SER A 201 25.42 5.23 -7.47
N ARG A 202 26.48 5.42 -8.26
CA ARG A 202 26.60 6.61 -9.14
C ARG A 202 25.41 6.74 -10.10
N LEU A 203 24.98 5.64 -10.67
CA LEU A 203 23.82 5.62 -11.60
C LEU A 203 22.54 5.90 -10.86
N ALA A 204 22.40 5.35 -9.65
CA ALA A 204 21.21 5.60 -8.86
C ALA A 204 21.09 7.09 -8.46
N VAL A 205 22.23 7.69 -8.11
CA VAL A 205 22.24 9.13 -7.79
C VAL A 205 21.85 9.98 -9.02
N LEU A 206 22.40 9.65 -10.21
CA LEU A 206 21.95 10.25 -11.50
C LEU A 206 20.44 10.11 -11.72
N ALA A 207 19.88 8.98 -11.29
CA ALA A 207 18.47 8.69 -11.39
C ALA A 207 17.61 9.53 -10.41
N GLY A 208 18.25 10.21 -9.47
CA GLY A 208 17.60 11.04 -8.45
C GLY A 208 17.55 10.39 -7.08
N ALA A 209 18.21 9.25 -6.89
CA ALA A 209 18.15 8.52 -5.61
C ALA A 209 19.29 8.87 -4.62
N LYS A 210 19.23 8.28 -3.43
CA LYS A 210 20.24 8.52 -2.40
C LYS A 210 21.32 7.43 -2.43
N THR A 211 22.58 7.85 -2.22
CA THR A 211 23.71 6.91 -2.15
C THR A 211 23.40 5.73 -1.21
N GLY A 212 24.13 4.63 -1.44
CA GLY A 212 23.79 3.40 -0.75
C GLY A 212 24.45 2.22 -1.41
N ARG A 213 24.03 1.02 -1.01
CA ARG A 213 24.59 -0.18 -1.62
C ARG A 213 23.61 -0.59 -2.71
N TRP A 214 23.81 0.02 -3.87
CA TRP A 214 22.99 -0.20 -5.08
C TRP A 214 23.51 -1.32 -5.98
N LYS A 215 22.59 -1.98 -6.68
CA LYS A 215 22.92 -2.91 -7.76
C LYS A 215 22.01 -2.65 -8.95
N ILE A 216 22.55 -2.78 -10.17
CA ILE A 216 21.74 -2.85 -11.38
C ILE A 216 21.01 -4.13 -11.38
N THR A 217 19.68 -4.05 -11.55
CA THR A 217 18.84 -5.23 -11.61
C THR A 217 18.46 -5.56 -13.04
N SER A 218 18.41 -4.55 -13.91
CA SER A 218 17.91 -4.74 -15.24
C SER A 218 18.31 -3.60 -16.13
N ILE A 219 18.76 -3.94 -17.36
CA ILE A 219 19.05 -2.94 -18.42
C ILE A 219 18.09 -3.20 -19.56
N ASP A 220 17.48 -2.13 -20.09
CA ASP A 220 16.53 -2.27 -21.22
C ASP A 220 16.77 -1.13 -22.22
N PRO A 221 16.11 -1.17 -23.38
CA PRO A 221 16.40 -0.08 -24.31
C PRO A 221 16.16 1.36 -23.82
N ASP A 222 15.31 1.53 -22.82
CA ASP A 222 14.92 2.87 -22.35
C ASP A 222 15.65 3.31 -21.08
N GLY A 223 16.32 2.36 -20.44
CA GLY A 223 17.11 2.70 -19.24
C GLY A 223 17.47 1.53 -18.36
N ILE A 224 17.72 1.81 -17.08
CA ILE A 224 18.37 0.88 -16.19
C ILE A 224 17.63 0.91 -14.86
N ASP A 225 17.27 -0.27 -14.36
CA ASP A 225 16.59 -0.32 -13.09
C ASP A 225 17.65 -0.65 -12.11
N LEU A 226 17.58 -0.02 -10.92
CA LEU A 226 18.51 -0.31 -9.80
C LEU A 226 17.77 -0.56 -8.50
N ALA A 227 18.37 -1.36 -7.61
CA ALA A 227 17.86 -1.57 -6.28
C ALA A 227 18.94 -1.48 -5.20
N SER A 228 18.51 -0.96 -4.04
CA SER A 228 19.27 -1.05 -2.79
C SER A 228 18.33 -1.74 -1.83
N ALA A 229 18.73 -1.85 -0.56
CA ALA A 229 17.88 -2.46 0.45
C ALA A 229 16.57 -1.69 0.74
N SER A 230 16.64 -0.36 0.89
CA SER A 230 15.45 0.44 1.18
C SER A 230 14.77 1.10 -0.02
N ASP A 231 15.47 1.20 -1.17
CA ASP A 231 14.96 1.96 -2.31
C ASP A 231 15.11 1.31 -3.70
N LEU A 232 14.37 1.85 -4.67
CA LEU A 232 14.48 1.46 -6.08
C LEU A 232 14.71 2.74 -6.88
N ALA A 233 15.47 2.61 -7.97
CA ALA A 233 15.72 3.72 -8.90
C ALA A 233 15.60 3.25 -10.35
N ARG A 234 15.26 4.20 -11.23
CA ARG A 234 15.33 3.99 -12.66
C ARG A 234 16.03 5.16 -13.34
N LEU A 235 17.11 4.86 -14.03
CA LEU A 235 17.85 5.90 -14.82
C LEU A 235 17.36 5.82 -16.26
N TRP A 236 16.78 6.91 -16.79
CA TRP A 236 16.34 6.92 -18.17
C TRP A 236 17.40 7.38 -19.13
N PHE A 237 17.58 6.64 -20.23
CA PHE A 237 18.52 7.08 -21.27
C PHE A 237 18.00 8.32 -21.94
N ALA A 238 18.90 9.17 -22.43
CA ALA A 238 18.46 10.30 -23.24
C ALA A 238 17.86 9.87 -24.59
N GLU A 239 18.38 8.78 -25.16
CA GLU A 239 17.75 8.20 -26.34
C GLU A 239 17.77 6.68 -26.25
N ARG A 240 16.89 6.04 -27.05
CA ARG A 240 16.62 4.60 -26.97
C ARG A 240 17.88 3.88 -27.37
N VAL A 241 18.20 2.79 -26.70
CA VAL A 241 19.47 2.07 -26.90
C VAL A 241 19.18 0.66 -27.47
N GLU A 242 19.89 0.26 -28.52
CA GLU A 242 19.52 -0.99 -29.21
C GLU A 242 20.67 -1.99 -29.30
N THR A 243 21.87 -1.47 -29.16
CA THR A 243 23.09 -2.26 -29.31
C THR A 243 24.02 -2.02 -28.16
N LEU A 244 25.01 -2.89 -28.06
CA LEU A 244 26.00 -2.74 -27.01
C LEU A 244 26.82 -1.47 -27.22
N LYS A 245 27.24 -1.22 -28.46
CA LYS A 245 27.94 0.02 -28.79
C LYS A 245 27.15 1.22 -28.31
N GLN A 246 25.83 1.22 -28.58
CA GLN A 246 24.97 2.34 -28.20
C GLN A 246 24.85 2.42 -26.69
N PHE A 247 24.79 1.27 -26.00
CA PHE A 247 24.73 1.28 -24.54
C PHE A 247 25.98 1.93 -23.92
N GLU A 248 27.15 1.40 -24.30
CA GLU A 248 28.43 1.89 -23.83
C GLU A 248 28.59 3.41 -24.08
N LYS A 249 28.10 3.90 -25.23
CA LYS A 249 28.19 5.35 -25.53
C LYS A 249 27.31 6.13 -24.56
N ALA A 250 26.04 5.75 -24.53
CA ALA A 250 25.06 6.27 -23.57
C ALA A 250 25.58 6.26 -22.13
N LEU A 251 26.22 5.16 -21.71
CA LEU A 251 26.71 5.06 -20.33
C LEU A 251 27.83 6.06 -20.09
N ALA A 252 28.71 6.17 -21.08
CA ALA A 252 29.90 7.02 -21.01
C ALA A 252 29.55 8.51 -20.94
N GLN A 253 28.58 8.92 -21.77
CA GLN A 253 27.97 10.26 -21.68
C GLN A 253 27.45 10.51 -20.27
N LEU A 254 26.69 9.56 -19.73
CA LEU A 254 26.03 9.78 -18.48
C LEU A 254 26.99 9.95 -17.35
N LEU A 255 28.02 9.14 -17.33
CA LEU A 255 28.90 9.08 -16.17
C LEU A 255 29.98 10.18 -16.19
N LYS A 256 29.74 11.22 -16.97
CA LYS A 256 30.70 12.32 -17.07
C LYS A 256 30.79 13.21 -15.84
N ALA B 7 -26.59 -15.61 5.32
CA ALA B 7 -25.52 -14.57 4.89
C ALA B 7 -24.09 -15.23 4.83
N PRO B 8 -23.67 -15.56 3.56
CA PRO B 8 -22.38 -16.25 3.45
C PRO B 8 -21.24 -15.37 3.99
N PRO B 9 -20.19 -16.00 4.56
CA PRO B 9 -19.09 -15.15 4.99
C PRO B 9 -18.52 -14.36 3.80
N VAL B 10 -18.13 -13.12 4.03
CA VAL B 10 -17.74 -12.24 2.93
C VAL B 10 -16.37 -12.68 2.41
N ILE B 11 -15.63 -13.34 3.27
CA ILE B 11 -14.37 -14.02 2.91
C ILE B 11 -14.64 -15.49 3.05
N THR B 12 -14.69 -16.19 1.92
CA THR B 12 -14.81 -17.65 1.88
C THR B 12 -13.59 -18.33 2.52
N PRO B 13 -13.83 -19.18 3.56
CA PRO B 13 -12.70 -19.94 4.13
C PRO B 13 -11.89 -20.71 3.08
N ARG B 14 -10.58 -20.79 3.30
CA ARG B 14 -9.66 -21.39 2.32
C ARG B 14 -10.13 -22.73 1.75
N GLY B 23 -13.28 -18.16 20.28
CA GLY B 23 -12.78 -16.87 19.79
C GLY B 23 -11.28 -16.80 19.63
N ALA B 24 -10.79 -15.68 19.05
CA ALA B 24 -9.35 -15.39 18.93
C ALA B 24 -8.75 -14.99 20.29
N PRO B 25 -7.48 -15.38 20.55
CA PRO B 25 -6.92 -15.11 21.89
C PRO B 25 -6.34 -13.70 21.95
N PHE B 26 -6.20 -13.14 23.17
CA PHE B 26 -5.63 -11.79 23.40
C PHE B 26 -4.53 -11.39 22.38
N GLU B 27 -3.59 -12.31 22.18
CA GLU B 27 -2.40 -12.05 21.37
C GLU B 27 -2.78 -11.56 20.00
N ALA B 28 -3.68 -12.31 19.36
CA ALA B 28 -4.01 -12.20 17.95
C ALA B 28 -4.78 -10.93 17.65
N VAL B 29 -5.77 -10.71 18.53
CA VAL B 29 -6.58 -9.52 18.58
C VAL B 29 -5.73 -8.24 18.79
N ARG B 30 -4.75 -8.29 19.68
CA ARG B 30 -3.95 -7.09 20.00
C ARG B 30 -3.07 -6.68 18.84
N VAL B 31 -2.40 -7.63 18.22
CA VAL B 31 -1.68 -7.26 16.97
C VAL B 31 -2.62 -6.72 15.89
N ALA B 32 -3.79 -7.36 15.74
CA ALA B 32 -4.82 -6.85 14.79
C ALA B 32 -5.27 -5.43 15.11
N ARG B 33 -5.63 -5.19 16.38
CA ARG B 33 -5.97 -3.82 16.81
C ARG B 33 -4.82 -2.76 16.68
N ASP B 34 -3.57 -3.15 16.98
CA ASP B 34 -2.42 -2.28 16.76
C ASP B 34 -2.31 -1.89 15.27
N VAL B 35 -2.44 -2.88 14.40
CA VAL B 35 -2.37 -2.59 12.98
C VAL B 35 -3.52 -1.66 12.61
N LEU B 36 -4.70 -1.97 13.11
CA LEU B 36 -5.86 -1.13 12.81
C LEU B 36 -5.59 0.35 13.15
N HIS B 37 -5.01 0.58 14.33
CA HIS B 37 -4.82 1.94 14.85
C HIS B 37 -3.55 2.69 14.41
N THR B 38 -2.57 1.97 13.90
CA THR B 38 -1.28 2.60 13.65
C THR B 38 -0.90 2.50 12.18
N SER B 39 -1.88 2.19 11.33
CA SER B 39 -1.62 2.17 9.89
C SER B 39 -2.17 3.43 9.23
N ARG B 40 -1.31 4.21 8.58
CA ARG B 40 -1.72 5.45 7.88
C ARG B 40 -2.26 5.15 6.49
N THR B 41 -1.61 4.23 5.78
CA THR B 41 -1.97 3.93 4.39
C THR B 41 -2.84 2.69 4.33
N ALA B 42 -3.91 2.76 3.53
CA ALA B 42 -4.75 1.61 3.23
C ALA B 42 -4.80 1.38 1.72
N ALA B 43 -4.67 0.12 1.33
CA ALA B 43 -5.12 -0.33 0.01
C ALA B 43 -6.66 -0.40 0.08
N LEU B 44 -7.30 0.08 -0.98
CA LEU B 44 -8.75 0.04 -1.10
C LEU B 44 -9.15 -0.62 -2.42
N ALA B 45 -10.04 -1.62 -2.37
CA ALA B 45 -10.51 -2.22 -3.62
C ALA B 45 -11.99 -2.01 -3.68
N THR B 46 -12.44 -1.72 -4.89
CA THR B 46 -13.85 -1.50 -5.21
C THR B 46 -14.10 -2.40 -6.42
N LEU B 47 -15.35 -2.49 -6.85
CA LEU B 47 -15.75 -3.28 -7.99
C LEU B 47 -16.19 -2.36 -9.14
N ASP B 48 -15.65 -2.61 -10.33
CA ASP B 48 -16.12 -1.90 -11.53
C ASP B 48 -17.58 -2.26 -11.84
N PRO B 49 -18.44 -1.24 -12.08
CA PRO B 49 -19.87 -1.49 -12.30
C PRO B 49 -20.21 -2.22 -13.62
N VAL B 50 -19.32 -2.24 -14.59
CA VAL B 50 -19.63 -2.98 -15.83
C VAL B 50 -18.75 -4.17 -16.15
N SER B 51 -17.43 -4.04 -15.91
CA SER B 51 -16.53 -5.14 -16.23
C SER B 51 -16.52 -6.22 -15.19
N GLY B 52 -16.88 -5.88 -13.96
CA GLY B 52 -16.77 -6.85 -12.88
C GLY B 52 -15.37 -7.00 -12.31
N TYR B 53 -14.36 -6.42 -12.95
CA TYR B 53 -12.99 -6.45 -12.41
C TYR B 53 -12.92 -5.72 -11.09
N PRO B 54 -12.02 -6.14 -10.17
CA PRO B 54 -11.74 -5.26 -9.05
C PRO B 54 -10.99 -3.99 -9.52
N TYR B 55 -10.92 -2.97 -8.67
CA TYR B 55 -10.24 -1.72 -8.97
C TYR B 55 -9.65 -1.20 -7.67
N THR B 56 -8.34 -0.99 -7.65
CA THR B 56 -7.64 -0.60 -6.43
C THR B 56 -7.18 0.85 -6.48
N THR B 57 -7.01 1.40 -5.29
CA THR B 57 -6.30 2.65 -5.11
C THR B 57 -5.64 2.57 -3.73
N ALA B 58 -4.93 3.63 -3.32
CA ALA B 58 -4.38 3.71 -1.97
C ALA B 58 -4.89 5.01 -1.32
N THR B 59 -5.22 4.98 -0.03
CA THR B 59 -5.68 6.21 0.61
C THR B 59 -5.26 6.26 2.09
N ASN B 60 -5.51 7.38 2.76
CA ASN B 60 -5.22 7.51 4.20
C ASN B 60 -6.40 7.01 5.02
N ILE B 61 -6.11 6.38 6.14
CA ILE B 61 -7.16 5.83 6.97
C ILE B 61 -7.28 6.64 8.24
N GLY B 62 -8.52 6.87 8.65
CA GLY B 62 -8.83 7.44 9.96
C GLY B 62 -9.59 6.35 10.69
N ILE B 63 -9.61 6.43 12.02
CA ILE B 63 -10.23 5.40 12.87
C ILE B 63 -11.06 6.17 13.90
N GLU B 64 -12.38 6.02 13.83
CA GLU B 64 -13.30 6.57 14.80
C GLU B 64 -13.11 5.96 16.20
N PRO B 65 -13.53 6.67 17.25
CA PRO B 65 -13.29 6.17 18.62
C PRO B 65 -13.80 4.72 18.84
N ASP B 66 -14.91 4.34 18.20
CA ASP B 66 -15.46 3.00 18.35
C ASP B 66 -14.69 1.93 17.52
N GLY B 67 -13.61 2.38 16.88
CA GLY B 67 -12.75 1.51 16.07
C GLY B 67 -13.04 1.50 14.58
N THR B 68 -14.10 2.19 14.15
CA THR B 68 -14.53 2.12 12.74
C THR B 68 -13.56 2.84 11.80
N PRO B 69 -13.02 2.13 10.78
CA PRO B 69 -12.17 2.81 9.78
C PRO B 69 -13.00 3.75 8.91
N PHE B 70 -12.43 4.87 8.55
CA PHE B 70 -13.01 5.75 7.57
C PHE B 70 -11.96 6.41 6.67
N PHE B 71 -12.41 6.99 5.57
CA PHE B 71 -11.46 7.52 4.58
C PHE B 71 -12.13 8.49 3.65
N PHE B 72 -11.29 9.25 2.96
CA PHE B 72 -11.73 10.26 2.01
C PHE B 72 -11.67 9.63 0.60
N ALA B 73 -12.63 9.97 -0.24
CA ALA B 73 -12.45 9.82 -1.69
C ALA B 73 -13.12 10.99 -2.37
N ALA B 74 -12.41 11.63 -3.30
CA ALA B 74 -12.98 12.70 -4.08
C ALA B 74 -14.06 12.11 -4.99
N GLY B 75 -15.19 12.81 -5.09
CA GLY B 75 -16.34 12.37 -5.90
C GLY B 75 -16.04 12.06 -7.35
N LEU B 76 -15.11 12.80 -7.96
CA LEU B 76 -14.77 12.61 -9.38
C LEU B 76 -13.88 11.37 -9.64
N THR B 77 -13.63 10.56 -8.62
CA THR B 77 -12.76 9.41 -8.80
C THR B 77 -13.50 8.15 -9.24
N LEU B 78 -12.75 7.24 -9.87
CA LEU B 78 -13.28 5.95 -10.29
C LEU B 78 -13.70 5.13 -9.09
N HIS B 79 -12.92 5.14 -8.01
CA HIS B 79 -13.30 4.38 -6.83
C HIS B 79 -14.55 4.92 -6.13
N ALA B 80 -14.68 6.26 -5.99
CA ALA B 80 -15.95 6.84 -5.56
C ALA B 80 -17.12 6.42 -6.46
N ARG B 81 -16.92 6.53 -7.78
CA ARG B 81 -17.97 6.15 -8.74
C ARG B 81 -18.42 4.71 -8.42
N ASN B 82 -17.45 3.79 -8.41
CA ASN B 82 -17.66 2.37 -8.12
C ASN B 82 -18.46 2.17 -6.84
N GLU B 84 -20.61 4.20 -5.31
CA GLU B 84 -22.01 4.67 -5.42
C GLU B 84 -22.94 3.53 -5.85
N THR B 85 -22.46 2.71 -6.80
CA THR B 85 -23.19 1.57 -7.34
C THR B 85 -23.15 0.40 -6.39
N ASP B 86 -21.98 0.09 -5.87
CA ASP B 86 -21.80 -1.18 -5.20
C ASP B 86 -20.93 -0.94 -3.96
N ALA B 87 -21.50 -1.13 -2.78
CA ALA B 87 -20.80 -0.76 -1.55
C ALA B 87 -19.76 -1.79 -1.09
N ARG B 88 -19.67 -2.93 -1.79
CA ARG B 88 -18.75 -4.02 -1.42
C ARG B 88 -17.29 -3.63 -1.66
N ILE B 89 -16.51 -3.59 -0.60
CA ILE B 89 -15.10 -3.19 -0.73
C ILE B 89 -14.19 -4.00 0.15
N SER B 90 -12.89 -3.86 -0.06
CA SER B 90 -11.92 -4.45 0.85
C SER B 90 -10.79 -3.44 1.08
N VAL B 91 -10.23 -3.40 2.30
CA VAL B 91 -9.01 -2.61 2.50
C VAL B 91 -7.94 -3.45 3.17
N THR B 92 -6.68 -3.12 2.91
CA THR B 92 -5.58 -3.67 3.69
C THR B 92 -4.77 -2.57 4.32
N LEU B 93 -4.57 -2.73 5.62
CA LEU B 93 -3.78 -1.85 6.42
C LEU B 93 -2.48 -2.57 6.69
N ALA B 94 -1.38 -1.88 6.41
CA ALA B 94 -0.04 -2.46 6.48
C ALA B 94 0.97 -1.32 6.49
N PRO B 95 2.19 -1.58 7.00
CA PRO B 95 3.29 -0.60 6.91
C PRO B 95 3.79 -0.44 5.49
N PHE B 96 2.95 0.01 4.57
CA PHE B 96 3.38 0.16 3.19
C PHE B 96 4.62 1.03 3.05
N GLY B 97 5.71 0.46 2.53
CA GLY B 97 6.98 1.20 2.29
C GLY B 97 8.02 1.14 3.40
N LYS B 98 7.67 0.47 4.50
CA LYS B 98 8.56 0.34 5.64
C LYS B 98 9.52 -0.87 5.48
N GLY B 99 9.30 -1.72 4.47
CA GLY B 99 10.17 -2.92 4.32
C GLY B 99 9.40 -4.02 3.60
N ASP B 100 10.03 -5.18 3.41
CA ASP B 100 9.41 -6.30 2.68
C ASP B 100 7.97 -6.58 3.20
N ALA B 101 6.97 -6.35 2.32
CA ALA B 101 5.56 -6.46 2.69
C ALA B 101 5.18 -7.85 3.22
N LEU B 102 5.89 -8.86 2.73
CA LEU B 102 5.56 -10.24 3.11
C LEU B 102 6.23 -10.67 4.42
N THR B 103 6.93 -9.72 5.04
CA THR B 103 7.60 -9.98 6.31
C THR B 103 6.99 -9.12 7.40
N LEU B 104 5.92 -8.42 7.04
CA LEU B 104 5.31 -7.41 7.91
C LEU B 104 3.79 -7.69 8.03
N PRO B 105 3.16 -7.21 9.12
CA PRO B 105 1.73 -7.50 9.22
C PRO B 105 0.86 -6.88 8.11
N ARG B 106 -0.23 -7.58 7.81
CA ARG B 106 -1.16 -7.24 6.76
C ARG B 106 -2.52 -7.54 7.38
N LEU B 107 -3.29 -6.49 7.64
CA LEU B 107 -4.66 -6.63 8.14
C LEU B 107 -5.67 -6.35 7.03
N THR B 108 -6.46 -7.35 6.67
CA THR B 108 -7.46 -7.14 5.63
C THR B 108 -8.87 -7.09 6.21
N LEU B 109 -9.63 -6.10 5.76
CA LEU B 109 -10.98 -5.88 6.28
C LEU B 109 -11.95 -5.80 5.09
N VAL B 110 -12.89 -6.72 5.06
CA VAL B 110 -13.81 -6.79 3.92
C VAL B 110 -15.16 -6.42 4.45
N GLY B 111 -15.89 -5.61 3.69
CA GLY B 111 -17.19 -5.14 4.11
C GLY B 111 -17.82 -4.14 3.17
N ARG B 112 -18.68 -3.30 3.73
CA ARG B 112 -19.47 -2.34 2.94
C ARG B 112 -19.00 -0.91 3.21
N ALA B 113 -18.84 -0.11 2.14
CA ALA B 113 -18.52 1.30 2.30
C ALA B 113 -19.79 2.14 2.47
N ASP B 114 -20.01 2.71 3.66
CA ASP B 114 -21.15 3.60 3.84
C ASP B 114 -20.67 5.08 3.73
N ARG B 115 -21.18 5.84 2.76
CA ARG B 115 -20.87 7.30 2.65
C ARG B 115 -21.36 8.01 3.90
N ILE B 116 -20.49 8.82 4.49
CA ILE B 116 -20.89 9.58 5.68
C ILE B 116 -21.79 10.72 5.20
N GLY B 117 -23.01 10.74 5.73
CA GLY B 117 -24.06 11.64 5.28
C GLY B 117 -23.79 13.07 5.75
N PRO B 118 -24.53 14.05 5.19
CA PRO B 118 -24.25 15.47 5.40
C PRO B 118 -24.33 15.85 6.88
N ASP B 119 -25.32 15.28 7.56
CA ASP B 119 -25.53 15.49 8.98
C ASP B 119 -24.30 15.08 9.83
N GLU B 120 -23.44 14.21 9.27
CA GLU B 120 -22.24 13.73 10.00
C GLU B 120 -20.86 14.13 9.44
N VAL B 121 -20.81 14.75 8.25
CA VAL B 121 -19.50 15.06 7.68
C VAL B 121 -18.65 16.03 8.49
N PRO B 122 -19.26 17.08 9.11
CA PRO B 122 -18.40 18.03 9.88
C PRO B 122 -17.51 17.32 10.91
N LEU B 123 -18.08 16.37 11.64
CA LEU B 123 -17.34 15.68 12.67
C LEU B 123 -16.29 14.74 12.05
N ALA B 124 -16.69 13.95 11.05
CA ALA B 124 -15.76 13.12 10.28
C ALA B 124 -14.58 13.94 9.71
N ILE B 125 -14.85 15.13 9.17
CA ILE B 125 -13.77 16.04 8.66
C ILE B 125 -12.82 16.40 9.81
N ALA B 126 -13.42 16.78 10.94
CA ALA B 126 -12.69 17.17 12.15
C ALA B 126 -11.74 16.03 12.55
N ARG B 127 -12.34 14.84 12.76
CA ARG B 127 -11.60 13.62 13.13
C ARG B 127 -10.44 13.28 12.20
N TYR B 128 -10.67 13.42 10.90
CA TYR B 128 -9.70 13.12 9.87
C TYR B 128 -8.54 14.11 9.91
N ILE B 129 -8.85 15.41 10.01
CA ILE B 129 -7.87 16.49 10.21
C ILE B 129 -7.07 16.32 11.52
N ALA B 130 -7.73 15.92 12.61
CA ALA B 130 -7.01 15.68 13.86
C ALA B 130 -5.80 14.76 13.62
N ARG B 131 -5.99 13.73 12.78
CA ARG B 131 -4.88 12.83 12.41
C ARG B 131 -4.05 13.38 11.25
N TYR B 132 -4.72 14.00 10.27
CA TYR B 132 -4.06 14.51 9.05
C TYR B 132 -4.29 16.00 8.81
N PRO B 133 -3.49 16.86 9.49
CA PRO B 133 -3.67 18.30 9.34
C PRO B 133 -3.55 18.78 7.89
N LYS B 134 -2.77 18.09 7.08
CA LYS B 134 -2.57 18.52 5.68
C LYS B 134 -3.77 18.26 4.78
N ALA B 135 -4.69 17.42 5.23
CA ALA B 135 -5.95 17.18 4.52
C ALA B 135 -6.85 18.42 4.52
N LYS B 136 -6.44 19.45 5.25
CA LYS B 136 -7.08 20.76 5.21
C LYS B 136 -7.23 21.20 3.77
N LEU B 137 -6.27 20.82 2.95
CA LEU B 137 -6.19 21.29 1.58
C LEU B 137 -7.10 20.50 0.62
N TYR B 138 -7.86 19.52 1.13
CA TYR B 138 -8.76 18.76 0.25
C TYR B 138 -10.12 18.31 0.85
N LEU B 139 -10.42 18.74 2.08
CA LEU B 139 -11.69 18.35 2.71
C LEU B 139 -12.78 19.43 2.62
N SER B 140 -12.45 20.55 2.01
CA SER B 140 -13.43 21.58 1.81
C SER B 140 -13.58 21.88 0.32
N LEU B 141 -13.33 20.83 -0.47
CA LEU B 141 -13.51 20.88 -1.93
C LEU B 141 -14.97 20.64 -2.32
N PRO B 142 -15.38 21.13 -3.51
CA PRO B 142 -16.69 20.74 -4.05
C PRO B 142 -16.94 19.22 -4.15
N ASP B 143 -15.91 18.40 -4.27
CA ASP B 143 -16.24 17.00 -4.49
C ASP B 143 -15.79 16.09 -3.36
N THR B 144 -15.60 16.68 -2.20
CA THR B 144 -15.20 15.96 -0.99
C THR B 144 -16.25 14.95 -0.51
N ARG B 145 -15.82 13.70 -0.32
CA ARG B 145 -16.68 12.63 0.20
C ARG B 145 -15.88 11.82 1.23
N LEU B 146 -16.54 11.35 2.28
CA LEU B 146 -15.90 10.46 3.25
C LEU B 146 -16.84 9.26 3.47
N TYR B 147 -16.23 8.11 3.72
CA TYR B 147 -16.96 6.83 3.88
C TYR B 147 -16.46 6.11 5.08
N ARG B 148 -17.38 5.44 5.77
CA ARG B 148 -17.05 4.47 6.79
C ARG B 148 -17.02 3.07 6.21
N LEU B 149 -16.07 2.26 6.66
CA LEU B 149 -16.13 0.82 6.37
C LEU B 149 -16.95 0.11 7.43
N ARG B 150 -18.00 -0.59 7.00
CA ARG B 150 -18.71 -1.49 7.87
C ARG B 150 -18.10 -2.91 7.69
N THR B 151 -17.11 -3.24 8.52
CA THR B 151 -16.30 -4.46 8.38
C THR B 151 -17.19 -5.70 8.58
N GLU B 152 -17.09 -6.67 7.68
CA GLU B 152 -17.90 -7.87 7.77
C GLU B 152 -17.07 -9.15 7.90
N GLY B 153 -15.82 -9.11 7.42
CA GLY B 153 -14.89 -10.23 7.55
C GLY B 153 -13.52 -9.63 7.77
N VAL B 154 -12.67 -10.35 8.47
CA VAL B 154 -11.33 -9.87 8.82
C VAL B 154 -10.29 -10.98 8.60
N GLN B 155 -9.16 -10.64 8.00
CA GLN B 155 -8.07 -11.59 7.93
C GLN B 155 -6.79 -10.87 8.34
N ILE B 156 -5.97 -11.52 9.16
CA ILE B 156 -4.67 -10.96 9.52
C ILE B 156 -3.50 -11.89 9.18
N ASN B 157 -2.46 -11.32 8.55
CA ASN B 157 -1.24 -12.05 8.18
C ASN B 157 -0.03 -11.41 8.86
N GLY B 158 1.00 -12.21 9.14
CA GLY B 158 1.96 -11.88 10.20
C GLY B 158 3.32 -11.37 9.77
N ASN B 166 -9.22 -16.89 13.86
CA ASN B 166 -10.53 -16.78 14.48
C ASN B 166 -10.98 -15.32 14.74
N ILE B 167 -10.35 -14.33 14.09
CA ILE B 167 -10.64 -12.91 14.38
C ILE B 167 -11.96 -12.42 13.74
N THR B 168 -12.85 -11.85 14.56
CA THR B 168 -14.13 -11.36 14.08
C THR B 168 -14.13 -9.83 13.91
N PRO B 169 -15.09 -9.27 13.13
CA PRO B 169 -15.34 -7.82 13.19
C PRO B 169 -15.51 -7.30 14.60
N ALA B 170 -16.20 -8.07 15.46
CA ALA B 170 -16.40 -7.65 16.84
C ALA B 170 -15.06 -7.51 17.57
N ASP B 171 -14.07 -8.33 17.23
CA ASP B 171 -12.76 -8.30 17.89
C ASP B 171 -12.05 -6.92 17.76
N LEU B 172 -12.34 -6.23 16.67
CA LEU B 172 -11.63 -4.99 16.30
C LEU B 172 -12.25 -3.69 16.78
N ARG B 173 -13.44 -3.80 17.38
CA ARG B 173 -14.14 -2.60 17.82
C ARG B 173 -13.74 -2.22 19.24
N THR B 174 -13.73 -0.92 19.49
CA THR B 174 -13.63 -0.44 20.85
C THR B 174 -15.03 -0.25 21.44
N ASP B 175 -15.31 -0.90 22.56
CA ASP B 175 -16.58 -0.69 23.24
C ASP B 175 -16.58 0.64 23.98
N LEU B 176 -17.48 1.54 23.58
CA LEU B 176 -17.60 2.84 24.25
C LEU B 176 -18.62 2.85 25.38
N SER B 177 -19.48 1.85 25.43
CA SER B 177 -20.71 1.92 26.24
C SER B 177 -20.56 2.24 27.75
N GLY B 178 -19.52 1.77 28.40
CA GLY B 178 -19.45 2.12 29.86
C GLY B 178 -18.87 3.51 30.16
N ALA B 179 -18.46 4.21 29.11
CA ALA B 179 -17.48 5.31 29.20
C ALA B 179 -17.93 6.69 28.72
N GLU B 180 -19.20 7.04 28.90
CA GLU B 180 -19.67 8.30 28.30
C GLU B 180 -19.00 9.56 28.88
N GLU B 181 -18.61 9.50 30.16
CA GLU B 181 -17.90 10.59 30.84
C GLU B 181 -16.52 10.87 30.25
N LEU B 182 -15.74 9.84 29.99
CA LEU B 182 -14.46 9.99 29.28
C LEU B 182 -14.67 10.58 27.89
N ALA B 184 -17.15 12.36 26.78
CA ALA B 184 -17.57 13.77 26.86
C ALA B 184 -16.37 14.69 27.05
N ALA B 185 -15.31 14.14 27.66
CA ALA B 185 -14.11 14.89 28.00
C ALA B 185 -12.94 14.62 27.05
N ALA B 186 -13.15 13.68 26.13
CA ALA B 186 -12.08 13.19 25.28
C ALA B 186 -11.42 14.35 24.50
N GLU B 187 -12.22 15.21 23.87
CA GLU B 187 -11.64 16.17 22.95
C GLU B 187 -10.93 17.26 23.72
N SER B 188 -11.56 17.69 24.83
CA SER B 188 -11.01 18.73 25.67
C SER B 188 -9.71 18.25 26.26
N GLU B 189 -9.70 16.97 26.63
CA GLU B 189 -8.54 16.38 27.26
C GLU B 189 -7.37 16.27 26.30
N ALA B 190 -7.66 15.91 25.06
CA ALA B 190 -6.61 15.80 24.06
C ALA B 190 -5.97 17.16 23.80
N THR B 191 -6.81 18.21 23.75
CA THR B 191 -6.36 19.60 23.59
C THR B 191 -5.47 19.95 24.76
N ARG B 192 -5.94 19.67 26.00
CA ARG B 192 -5.16 19.96 27.22
C ARG B 192 -3.79 19.30 27.16
N LEU B 193 -3.77 18.02 26.84
CA LEU B 193 -2.53 17.26 26.85
C LEU B 193 -1.58 17.69 25.76
N ASN B 194 -2.12 17.94 24.57
CA ASN B 194 -1.33 18.43 23.46
C ASN B 194 -0.68 19.78 23.78
N ALA B 195 -1.33 20.59 24.62
CA ALA B 195 -0.81 21.91 25.03
C ALA B 195 0.28 21.81 26.09
N ILE B 196 0.49 20.61 26.66
CA ILE B 196 1.65 20.39 27.55
C ILE B 196 2.88 20.06 26.70
N LYS B 197 3.84 20.97 26.68
CA LYS B 197 5.04 20.82 25.86
C LYS B 197 5.73 19.48 26.16
N GLY B 198 5.94 18.68 25.11
CA GLY B 198 6.67 17.42 25.20
C GLY B 198 5.84 16.22 25.61
N GLU B 199 4.56 16.44 25.86
CA GLU B 199 3.68 15.45 26.50
C GLU B 199 3.21 14.32 25.57
N ALA B 200 2.78 14.72 24.37
CA ALA B 200 2.38 13.78 23.34
C ALA B 200 3.56 12.90 22.93
N SER B 201 4.75 13.46 22.82
CA SER B 201 5.91 12.68 22.43
C SER B 201 6.36 11.69 23.50
N ARG B 202 6.28 12.04 24.78
CA ARG B 202 6.61 11.04 25.80
C ARG B 202 5.59 9.92 25.86
N LEU B 203 4.35 10.24 25.51
CA LEU B 203 3.34 9.20 25.36
C LEU B 203 3.66 8.30 24.14
N ALA B 204 3.96 8.91 23.00
CA ALA B 204 4.41 8.13 21.82
C ALA B 204 5.56 7.15 22.14
N VAL B 205 6.56 7.62 22.88
CA VAL B 205 7.69 6.76 23.24
C VAL B 205 7.31 5.63 24.21
N LEU B 206 6.46 5.94 25.19
CA LEU B 206 5.91 4.92 26.09
C LEU B 206 5.15 3.82 25.31
N ALA B 207 4.51 4.23 24.21
CA ALA B 207 3.80 3.32 23.28
C ALA B 207 4.76 2.47 22.42
N GLY B 208 6.02 2.90 22.34
CA GLY B 208 7.07 2.20 21.59
C GLY B 208 7.50 2.93 20.33
N ALA B 209 7.19 4.22 20.25
CA ALA B 209 7.53 5.02 19.06
C ALA B 209 8.77 5.83 19.30
N LYS B 210 9.40 6.29 18.21
CA LYS B 210 10.55 7.17 18.30
C LYS B 210 10.10 8.50 18.88
N THR B 211 10.98 9.16 19.61
CA THR B 211 10.71 10.51 20.10
C THR B 211 10.64 11.47 18.90
N GLY B 212 9.59 12.31 18.86
CA GLY B 212 9.43 13.28 17.77
C GLY B 212 8.34 14.32 17.98
N ARG B 213 7.80 14.82 16.86
CA ARG B 213 6.74 15.83 16.88
C ARG B 213 5.33 15.22 16.85
N TRP B 214 4.89 14.79 18.02
CA TRP B 214 3.65 14.02 18.18
C TRP B 214 2.44 14.84 18.59
N LYS B 215 1.23 14.34 18.26
CA LYS B 215 -0.02 14.88 18.77
C LYS B 215 -0.93 13.70 19.15
N ILE B 216 -1.64 13.83 20.26
CA ILE B 216 -2.78 12.97 20.56
C ILE B 216 -3.85 13.24 19.53
N THR B 217 -4.39 12.20 18.91
CA THR B 217 -5.45 12.47 17.98
C THR B 217 -6.77 12.03 18.49
N SER B 218 -6.75 11.04 19.38
CA SER B 218 -7.96 10.46 19.88
C SER B 218 -7.73 9.71 21.18
N ILE B 219 -8.62 9.94 22.13
CA ILE B 219 -8.63 9.19 23.36
C ILE B 219 -9.87 8.30 23.41
N ASP B 220 -9.67 7.02 23.75
CA ASP B 220 -10.79 6.12 23.90
C ASP B 220 -10.62 5.26 25.17
N PRO B 221 -11.63 4.45 25.52
CA PRO B 221 -11.56 3.63 26.78
C PRO B 221 -10.39 2.62 26.93
N ASP B 222 -9.83 2.16 25.82
CA ASP B 222 -8.72 1.20 25.83
C ASP B 222 -7.33 1.86 25.63
N GLY B 223 -7.28 3.11 25.16
CA GLY B 223 -5.98 3.74 24.99
C GLY B 223 -6.00 5.03 24.20
N ILE B 224 -4.80 5.45 23.77
CA ILE B 224 -4.62 6.75 23.13
C ILE B 224 -3.96 6.57 21.77
N ASP B 225 -4.57 7.15 20.72
CA ASP B 225 -3.97 7.19 19.39
C ASP B 225 -3.24 8.53 19.27
N LEU B 226 -2.04 8.45 18.68
CA LEU B 226 -1.14 9.59 18.48
C LEU B 226 -0.63 9.59 17.06
N ALA B 227 -0.30 10.77 16.57
CA ALA B 227 0.16 10.88 15.20
C ALA B 227 1.29 11.89 15.19
N SER B 228 2.36 11.57 14.46
CA SER B 228 3.36 12.56 14.06
C SER B 228 3.17 12.86 12.55
N ALA B 229 4.12 13.57 11.94
CA ALA B 229 3.98 13.85 10.52
C ALA B 229 4.19 12.60 9.65
N SER B 230 4.83 11.58 10.19
CA SER B 230 5.23 10.41 9.40
C SER B 230 4.83 9.11 10.04
N ASP B 231 4.45 9.15 11.31
CA ASP B 231 4.26 7.89 12.00
C ASP B 231 2.96 7.94 12.83
N LEU B 232 2.50 6.76 13.26
CA LEU B 232 1.40 6.62 14.18
C LEU B 232 1.79 5.72 15.39
N ALA B 233 1.14 5.97 16.53
CA ALA B 233 1.37 5.18 17.72
C ALA B 233 0.05 4.97 18.42
N ARG B 234 -0.02 3.96 19.25
CA ARG B 234 -1.13 3.86 20.17
C ARG B 234 -0.61 3.39 21.51
N LEU B 235 -0.94 4.14 22.53
CA LEU B 235 -0.66 3.76 23.90
C LEU B 235 -1.86 3.07 24.51
N TRP B 236 -1.65 1.84 24.95
CA TRP B 236 -2.71 1.03 25.49
C TRP B 236 -2.70 1.16 27.02
N PHE B 237 -3.88 1.39 27.60
CA PHE B 237 -4.04 1.43 29.03
C PHE B 237 -3.87 0.00 29.56
N ALA B 238 -3.34 -0.15 30.79
CA ALA B 238 -3.25 -1.46 31.44
C ALA B 238 -4.65 -2.03 31.67
N GLU B 239 -5.59 -1.12 31.96
CA GLU B 239 -6.97 -1.49 32.15
C GLU B 239 -7.89 -0.48 31.52
N ARG B 240 -9.14 -0.88 31.33
CA ARG B 240 -10.16 -0.05 30.69
C ARG B 240 -10.37 1.21 31.52
N VAL B 241 -10.58 2.31 30.81
CA VAL B 241 -10.78 3.65 31.37
C VAL B 241 -12.18 4.11 30.94
N GLU B 242 -13.01 4.47 31.91
CA GLU B 242 -14.42 4.84 31.67
C GLU B 242 -14.74 6.28 32.11
N THR B 243 -13.90 6.83 32.99
CA THR B 243 -14.09 8.16 33.55
C THR B 243 -12.84 9.02 33.40
N LEU B 244 -12.98 10.31 33.69
CA LEU B 244 -11.86 11.25 33.62
C LEU B 244 -10.84 10.96 34.72
N LYS B 245 -11.32 10.62 35.90
CA LYS B 245 -10.46 10.22 36.99
C LYS B 245 -9.62 8.99 36.71
N GLN B 246 -10.24 7.94 36.17
CA GLN B 246 -9.52 6.73 35.76
C GLN B 246 -8.47 7.06 34.69
N PHE B 247 -8.79 8.01 33.81
CA PHE B 247 -7.85 8.50 32.79
C PHE B 247 -6.61 9.07 33.44
N GLU B 248 -6.82 9.98 34.39
CA GLU B 248 -5.74 10.66 35.11
C GLU B 248 -4.82 9.66 35.81
N LYS B 249 -5.41 8.65 36.46
CA LYS B 249 -4.67 7.56 37.10
C LYS B 249 -3.80 6.78 36.11
N ALA B 250 -4.38 6.38 34.99
CA ALA B 250 -3.67 5.63 33.95
C ALA B 250 -2.45 6.40 33.44
N LEU B 251 -2.62 7.69 33.21
CA LEU B 251 -1.52 8.55 32.77
C LEU B 251 -0.36 8.54 33.78
N ALA B 252 -0.72 8.47 35.07
CA ALA B 252 0.23 8.56 36.18
C ALA B 252 1.13 7.31 36.35
N GLN B 253 0.62 6.14 35.97
CA GLN B 253 1.48 4.96 35.78
C GLN B 253 2.42 5.22 34.59
N LEU B 254 1.83 5.40 33.41
CA LEU B 254 2.56 5.47 32.16
C LEU B 254 3.46 6.70 32.07
#